data_5YBV
#
_entry.id   5YBV
#
_cell.length_a   45.956
_cell.length_b   52.834
_cell.length_c   53.478
_cell.angle_alpha   73.02
_cell.angle_beta   89.67
_cell.angle_gamma   84.91
#
_symmetry.space_group_name_H-M   'P 1'
#
loop_
_entity.id
_entity.type
_entity.pdbx_description
1 polymer 'KN motif and ankyrin repeat domain-containing protein 2'
2 polymer 'KN motif and ankyrin repeat domain-containing protein 2'
3 polymer 'Kinesin-like protein KIF21A'
4 non-polymer 'SULFATE ION'
5 non-polymer GLYCEROL
6 water water
#
loop_
_entity_poly.entity_id
_entity_poly.type
_entity_poly.pdbx_seq_one_letter_code
_entity_poly.pdbx_strand_id
1 'polypeptide(L)'
;GHMSGSNTEEEIRMELSPDLISACLALEKYLDNPNALTERELKVAYTTVLQEWLRLACRSDAHPELVRRHLVTFRAMSAR
LLDYVVNIADSNGNTALHYSVSHANFPVVQQLLDSGVCKVDKQNRAGYSPIMLTALATLKTQDDIETVLQLFRLGNINAK
ASQAGQTALMLAVSHGRVDVVKALLACEADVNVQDDDGSTALMCACEHGHKEIAGLLLAVPSCDISLTDRDGSTALMVAL
DAGQSEIASMLYSRMNIK
;
A
2 'polypeptide(L)'
;GHMGHMSGSNTEEEIRMELSPDLISACLALEKYLDNPNALTERELKVAYTTVLQEWLRLACRSDAHPELVRRHLVTFRAM
SARLLDYVVNIADSNGNTALHYSVSHANFPVVQQLLDSGVCKVDKQNRAGYSPIMLTALATLKTQDDIETVLQLFRLGNI
NAKASQAGQTALMLAVSHGRVDVVKALLACEADVNVQDDDGSTALMCACEHGHKEIAGLLLAVPSCDISLTDRDGSTALM
VALDAGQSEIASMLYSRMNIK
;
B
3 'polypeptide(L)' EVKPKNKARRRTTTQMELLYAD C,D
#
loop_
_chem_comp.id
_chem_comp.type
_chem_comp.name
_chem_comp.formula
GOL non-polymer GLYCEROL 'C3 H8 O3'
SO4 non-polymer 'SULFATE ION' 'O4 S -2'
#
# COMPACT_ATOMS: atom_id res chain seq x y z
N MET A 14 -8.19 -3.97 -26.89
CA MET A 14 -7.58 -4.04 -25.51
C MET A 14 -6.40 -3.07 -25.36
N GLU A 15 -6.59 -2.01 -24.58
CA GLU A 15 -5.59 -0.94 -24.43
C GLU A 15 -5.83 -0.20 -23.10
N LEU A 16 -4.77 0.38 -22.53
CA LEU A 16 -4.88 1.11 -21.27
C LEU A 16 -5.54 2.45 -21.51
N SER A 17 -6.63 2.73 -20.80
CA SER A 17 -7.37 3.99 -20.96
C SER A 17 -6.43 5.20 -20.76
N PRO A 18 -6.15 5.96 -21.82
CA PRO A 18 -5.23 7.07 -21.63
C PRO A 18 -5.76 8.12 -20.65
N ASP A 19 -7.07 8.34 -20.64
CA ASP A 19 -7.67 9.28 -19.71
C ASP A 19 -7.43 8.83 -18.27
N LEU A 20 -7.59 7.52 -18.02
CA LEU A 20 -7.35 6.93 -16.71
C LEU A 20 -5.89 7.08 -16.25
N ILE A 21 -4.96 6.63 -17.10
CA ILE A 21 -3.54 6.65 -16.80
C ILE A 21 -3.07 8.08 -16.58
N SER A 22 -3.51 9.00 -17.43
CA SER A 22 -3.16 10.42 -17.27
C SER A 22 -3.59 10.99 -15.91
N ALA A 23 -4.79 10.64 -15.46
CA ALA A 23 -5.26 11.07 -14.16
C ALA A 23 -4.60 10.32 -12.99
N CYS A 24 -4.19 9.08 -13.21
CA CYS A 24 -3.42 8.34 -12.19
C CYS A 24 -2.01 8.89 -11.97
N LEU A 25 -1.36 9.36 -13.02
CA LEU A 25 -0.04 10.01 -12.89
C LEU A 25 -0.15 11.27 -12.00
N ALA A 26 -1.23 12.02 -12.19
CA ALA A 26 -1.55 13.15 -11.33
C ALA A 26 -1.76 12.73 -9.87
N LEU A 27 -2.59 11.71 -9.65
CA LEU A 27 -2.86 11.26 -8.28
C LEU A 27 -1.64 10.68 -7.56
N GLU A 28 -0.73 10.08 -8.33
CA GLU A 28 0.48 9.52 -7.76
C GLU A 28 1.31 10.62 -7.08
N LYS A 29 1.42 11.78 -7.72
CA LYS A 29 2.10 12.95 -7.13
C LYS A 29 1.42 13.43 -5.85
N TYR A 30 0.08 13.47 -5.87
CA TYR A 30 -0.72 13.86 -4.69
C TYR A 30 -0.56 12.92 -3.50
N LEU A 31 -0.53 11.61 -3.77
CA LEU A 31 -0.34 10.62 -2.72
C LEU A 31 1.10 10.67 -2.15
N ASP A 32 2.06 11.07 -2.98
CA ASP A 32 3.42 11.32 -2.53
C ASP A 32 3.49 12.60 -1.70
N ASN A 33 2.84 13.66 -2.18
CA ASN A 33 2.85 14.95 -1.51
C ASN A 33 1.52 15.66 -1.82
N PRO A 34 0.63 15.84 -0.81
CA PRO A 34 -0.67 16.50 -1.07
C PRO A 34 -0.59 17.94 -1.61
N ASN A 35 0.54 18.63 -1.38
CA ASN A 35 0.79 19.97 -1.94
C ASN A 35 1.25 19.98 -3.44
N ALA A 36 1.52 18.80 -4.01
CA ALA A 36 2.01 18.66 -5.40
C ALA A 36 0.95 18.88 -6.49
N LEU A 37 -0.34 18.78 -6.15
CA LEU A 37 -1.43 19.13 -7.09
C LEU A 37 -2.18 20.35 -6.59
N THR A 38 -2.58 21.20 -7.54
CA THR A 38 -3.44 22.35 -7.22
C THR A 38 -4.87 21.83 -6.98
N GLU A 39 -5.74 22.70 -6.46
CA GLU A 39 -7.13 22.33 -6.15
C GLU A 39 -7.84 21.82 -7.40
N ARG A 40 -7.76 22.60 -8.48
CA ARG A 40 -8.38 22.25 -9.75
C ARG A 40 -7.85 20.91 -10.28
N GLU A 41 -6.53 20.75 -10.30
CA GLU A 41 -5.91 19.52 -10.81
C GLU A 41 -6.33 18.27 -10.02
N LEU A 42 -6.47 18.40 -8.70
CA LEU A 42 -6.86 17.28 -7.84
C LEU A 42 -8.31 16.86 -8.08
N LYS A 43 -9.22 17.83 -8.10
CA LYS A 43 -10.64 17.54 -8.36
C LYS A 43 -10.80 16.78 -9.67
N VAL A 44 -10.17 17.30 -10.73
CA VAL A 44 -10.22 16.72 -12.07
C VAL A 44 -9.67 15.30 -12.12
N ALA A 45 -8.50 15.07 -11.52
CA ALA A 45 -7.88 13.74 -11.57
C ALA A 45 -8.65 12.69 -10.75
N TYR A 46 -9.17 13.10 -9.60
CA TYR A 46 -9.96 12.21 -8.75
C TYR A 46 -11.23 11.77 -9.49
N THR A 47 -11.94 12.75 -10.03
CA THR A 47 -13.17 12.54 -10.80
C THR A 47 -12.93 11.61 -11.99
N THR A 48 -11.82 11.83 -12.72
CA THR A 48 -11.52 10.97 -13.87
C THR A 48 -11.16 9.55 -13.45
N VAL A 49 -10.27 9.41 -12.46
CA VAL A 49 -9.86 8.07 -11.99
C VAL A 49 -11.07 7.26 -11.50
N LEU A 50 -11.89 7.87 -10.63
CA LEU A 50 -13.08 7.21 -10.11
C LEU A 50 -14.00 6.75 -11.23
N GLN A 51 -14.22 7.63 -12.20
CA GLN A 51 -15.11 7.35 -13.31
C GLN A 51 -14.58 6.21 -14.19
N GLU A 52 -13.37 6.38 -14.74
CA GLU A 52 -12.72 5.39 -15.61
C GLU A 52 -12.44 4.05 -14.94
N TRP A 53 -11.97 4.09 -13.69
CA TRP A 53 -11.70 2.86 -12.96
C TRP A 53 -12.98 2.05 -12.81
N LEU A 54 -14.08 2.72 -12.45
CA LEU A 54 -15.39 2.08 -12.40
C LEU A 54 -15.96 1.66 -13.76
N ARG A 55 -15.63 2.38 -14.84
CA ARG A 55 -15.96 1.88 -16.18
C ARG A 55 -15.24 0.56 -16.45
N LEU A 56 -13.95 0.55 -16.15
CA LEU A 56 -13.09 -0.57 -16.49
C LEU A 56 -13.44 -1.85 -15.70
N ALA A 57 -13.59 -1.73 -14.38
CA ALA A 57 -13.61 -2.89 -13.49
C ALA A 57 -14.99 -3.35 -13.02
N CYS A 58 -15.92 -2.40 -12.85
CA CYS A 58 -17.19 -2.62 -12.16
C CYS A 58 -18.38 -3.01 -13.02
N ARG A 59 -18.22 -2.96 -14.33
CA ARG A 59 -19.31 -3.34 -15.21
C ARG A 59 -19.61 -4.82 -15.09
N SER A 60 -20.75 -5.20 -15.65
CA SER A 60 -21.20 -6.59 -15.70
C SER A 60 -20.25 -7.42 -16.58
N ASP A 61 -19.87 -6.84 -17.73
CA ASP A 61 -18.97 -7.49 -18.71
C ASP A 61 -17.46 -7.16 -18.54
N ALA A 62 -17.03 -6.74 -17.34
CA ALA A 62 -15.64 -6.29 -17.11
C ALA A 62 -14.62 -7.40 -17.40
N HIS A 63 -13.58 -7.11 -18.16
CA HIS A 63 -12.66 -8.14 -18.62
C HIS A 63 -11.46 -8.32 -17.67
N PRO A 64 -11.27 -9.55 -17.11
CA PRO A 64 -10.28 -9.70 -16.04
C PRO A 64 -8.83 -9.45 -16.50
N GLU A 65 -8.49 -9.87 -17.71
CA GLU A 65 -7.15 -9.61 -18.23
C GLU A 65 -6.88 -8.10 -18.31
N LEU A 66 -7.83 -7.33 -18.82
CA LEU A 66 -7.67 -5.87 -18.91
C LEU A 66 -7.56 -5.25 -17.53
N VAL A 67 -8.24 -5.85 -16.55
CA VAL A 67 -8.15 -5.37 -15.16
C VAL A 67 -6.73 -5.60 -14.67
N ARG A 68 -6.21 -6.81 -14.90
CA ARG A 68 -4.85 -7.17 -14.47
C ARG A 68 -3.79 -6.21 -15.02
N ARG A 69 -3.94 -5.80 -16.26
CA ARG A 69 -2.95 -4.95 -16.91
C ARG A 69 -2.89 -3.58 -16.29
N HIS A 70 -4.05 -3.01 -16.01
CA HIS A 70 -4.12 -1.76 -15.26
C HIS A 70 -3.52 -1.86 -13.86
N LEU A 71 -3.81 -2.96 -13.16
CA LEU A 71 -3.25 -3.19 -11.81
C LEU A 71 -1.73 -3.25 -11.81
N VAL A 72 -1.12 -3.75 -12.90
CA VAL A 72 0.36 -3.79 -13.05
C VAL A 72 0.92 -2.41 -13.33
N THR A 73 0.26 -1.66 -14.21
CA THR A 73 0.62 -0.28 -14.49
C THR A 73 0.44 0.62 -13.25
N PHE A 74 -0.57 0.36 -12.43
CA PHE A 74 -0.75 1.14 -11.21
C PHE A 74 0.39 0.85 -10.24
N ARG A 75 0.70 -0.43 -10.07
CA ARG A 75 1.79 -0.85 -9.21
C ARG A 75 3.11 -0.17 -9.61
N ALA A 76 3.46 -0.29 -10.89
CA ALA A 76 4.67 0.34 -11.44
C ALA A 76 4.69 1.88 -11.35
N MET A 77 3.55 2.52 -11.07
CA MET A 77 3.54 3.95 -10.79
C MET A 77 3.86 4.26 -9.33
N SER A 78 3.25 3.50 -8.43
CA SER A 78 3.41 3.67 -6.99
C SER A 78 2.59 2.58 -6.32
N ALA A 79 3.17 1.92 -5.31
CA ALA A 79 2.43 0.95 -4.51
C ALA A 79 1.28 1.61 -3.74
N ARG A 80 1.47 2.88 -3.36
CA ARG A 80 0.41 3.68 -2.74
C ARG A 80 -0.73 4.02 -3.72
N LEU A 81 -0.41 4.23 -5.00
CA LEU A 81 -1.45 4.44 -6.01
C LEU A 81 -2.27 3.16 -6.28
N LEU A 82 -1.61 2.01 -6.31
CA LEU A 82 -2.33 0.75 -6.47
C LEU A 82 -3.39 0.58 -5.38
N ASP A 83 -2.97 0.77 -4.13
CA ASP A 83 -3.88 0.68 -2.99
C ASP A 83 -5.02 1.68 -3.08
N TYR A 84 -4.69 2.94 -3.38
CA TYR A 84 -5.68 4.01 -3.47
C TYR A 84 -6.72 3.77 -4.59
N VAL A 85 -6.26 3.39 -5.78
CA VAL A 85 -7.16 3.10 -6.91
C VAL A 85 -7.98 1.84 -6.63
N VAL A 86 -7.34 0.75 -6.25
CA VAL A 86 -8.08 -0.52 -5.99
C VAL A 86 -9.22 -0.33 -4.95
N ASN A 87 -9.03 0.61 -4.02
CA ASN A 87 -9.97 0.88 -2.92
C ASN A 87 -10.74 2.21 -3.04
N ILE A 88 -10.66 2.86 -4.19
CA ILE A 88 -11.41 4.09 -4.44
C ILE A 88 -12.90 3.74 -4.50
N ALA A 89 -13.71 4.66 -3.97
CA ALA A 89 -15.12 4.40 -3.68
C ALA A 89 -15.96 5.55 -4.19
N ASP A 90 -17.08 5.21 -4.81
CA ASP A 90 -18.00 6.21 -5.30
C ASP A 90 -18.73 6.87 -4.12
N SER A 91 -19.74 7.70 -4.40
CA SER A 91 -20.48 8.39 -3.35
C SER A 91 -21.28 7.47 -2.39
N ASN A 92 -21.61 6.25 -2.82
CA ASN A 92 -22.21 5.26 -1.92
C ASN A 92 -21.22 4.35 -1.17
N GLY A 93 -19.92 4.65 -1.22
CA GLY A 93 -18.91 3.80 -0.59
C GLY A 93 -18.62 2.47 -1.26
N ASN A 94 -19.05 2.29 -2.51
CA ASN A 94 -18.80 1.07 -3.26
C ASN A 94 -17.48 1.12 -4.03
N THR A 95 -16.71 0.06 -3.91
CA THR A 95 -15.44 -0.09 -4.61
C THR A 95 -15.62 -1.08 -5.74
N ALA A 96 -14.57 -1.29 -6.51
CA ALA A 96 -14.58 -2.31 -7.56
C ALA A 96 -14.94 -3.66 -7.01
N LEU A 97 -14.42 -3.98 -5.83
CA LEU A 97 -14.74 -5.25 -5.18
C LEU A 97 -16.22 -5.41 -4.83
N HIS A 98 -16.87 -4.32 -4.40
CA HIS A 98 -18.29 -4.39 -4.04
C HIS A 98 -19.06 -4.73 -5.31
N TYR A 99 -18.81 -3.99 -6.38
CA TYR A 99 -19.58 -4.13 -7.63
C TYR A 99 -19.33 -5.44 -8.34
N SER A 100 -18.07 -5.87 -8.43
N SER A 100 -18.05 -5.85 -8.41
CA SER A 100 -17.76 -7.13 -9.09
CA SER A 100 -17.71 -7.10 -9.09
C SER A 100 -18.21 -8.34 -8.27
C SER A 100 -18.27 -8.30 -8.35
N VAL A 101 -18.26 -8.25 -6.94
CA VAL A 101 -18.91 -9.31 -6.16
C VAL A 101 -20.43 -9.32 -6.41
N SER A 102 -21.02 -8.13 -6.42
CA SER A 102 -22.47 -7.96 -6.62
C SER A 102 -22.95 -8.46 -7.98
N HIS A 103 -22.15 -8.31 -9.03
CA HIS A 103 -22.47 -8.88 -10.35
C HIS A 103 -22.07 -10.32 -10.53
N ALA A 104 -21.50 -10.94 -9.50
CA ALA A 104 -20.92 -12.28 -9.59
C ALA A 104 -19.86 -12.41 -10.70
N ASN A 105 -19.10 -11.35 -10.95
CA ASN A 105 -18.02 -11.38 -11.92
C ASN A 105 -16.76 -11.77 -11.16
N PHE A 106 -16.65 -13.08 -10.89
CA PHE A 106 -15.60 -13.57 -9.99
C PHE A 106 -14.19 -13.64 -10.60
N PRO A 107 -14.07 -13.83 -11.93
CA PRO A 107 -12.76 -13.66 -12.52
C PRO A 107 -12.17 -12.26 -12.27
N VAL A 108 -13.00 -11.21 -12.27
CA VAL A 108 -12.52 -9.86 -11.90
C VAL A 108 -12.24 -9.73 -10.40
N VAL A 109 -13.10 -10.35 -9.58
CA VAL A 109 -12.86 -10.35 -8.13
C VAL A 109 -11.48 -10.98 -7.88
N GLN A 110 -11.19 -12.08 -8.59
CA GLN A 110 -9.94 -12.81 -8.44
C GLN A 110 -8.77 -11.91 -8.71
N GLN A 111 -8.85 -11.17 -9.81
CA GLN A 111 -7.80 -10.22 -10.18
C GLN A 111 -7.62 -9.11 -9.16
N LEU A 112 -8.71 -8.64 -8.58
CA LEU A 112 -8.65 -7.65 -7.50
C LEU A 112 -8.04 -8.20 -6.21
N LEU A 113 -8.45 -9.40 -5.81
CA LEU A 113 -7.87 -10.09 -4.65
C LEU A 113 -6.34 -10.29 -4.80
N ASP A 114 -5.90 -10.66 -6.01
CA ASP A 114 -4.50 -10.93 -6.27
C ASP A 114 -3.63 -9.68 -6.25
N SER A 115 -4.21 -8.48 -6.32
CA SER A 115 -3.44 -7.24 -6.15
C SER A 115 -2.79 -7.08 -4.76
N GLY A 116 -3.28 -7.82 -3.77
CA GLY A 116 -2.76 -7.74 -2.39
C GLY A 116 -3.26 -6.59 -1.54
N VAL A 117 -4.06 -5.70 -2.11
CA VAL A 117 -4.39 -4.43 -1.45
C VAL A 117 -5.89 -4.24 -1.19
N CYS A 118 -6.69 -5.27 -1.50
CA CYS A 118 -8.13 -5.18 -1.34
C CYS A 118 -8.51 -5.11 0.12
N LYS A 119 -9.66 -4.52 0.41
CA LYS A 119 -10.21 -4.49 1.77
C LYS A 119 -11.57 -5.17 1.74
N VAL A 120 -11.58 -6.46 2.08
CA VAL A 120 -12.72 -7.30 1.85
C VAL A 120 -13.82 -7.11 2.93
N ASP A 121 -13.48 -6.42 4.01
CA ASP A 121 -14.38 -6.10 5.12
C ASP A 121 -14.89 -4.68 5.08
N LYS A 122 -14.47 -3.85 4.10
CA LYS A 122 -14.88 -2.45 4.15
C LYS A 122 -16.33 -2.36 3.75
N GLN A 123 -17.11 -1.62 4.56
CA GLN A 123 -18.54 -1.50 4.38
C GLN A 123 -18.89 -0.30 3.55
N ASN A 124 -19.77 -0.47 2.55
CA ASN A 124 -20.31 0.67 1.82
C ASN A 124 -21.22 1.54 2.74
N ARG A 125 -21.77 2.61 2.20
CA ARG A 125 -22.66 3.51 2.93
C ARG A 125 -23.90 2.79 3.44
N ALA A 126 -24.35 1.77 2.71
CA ALA A 126 -25.47 0.93 3.14
C ALA A 126 -25.14 0.03 4.32
N GLY A 127 -23.84 -0.17 4.58
CA GLY A 127 -23.36 -0.96 5.70
C GLY A 127 -22.89 -2.38 5.41
N TYR A 128 -22.59 -2.70 4.14
CA TYR A 128 -22.21 -4.08 3.76
C TYR A 128 -20.84 -4.20 3.09
N SER A 129 -20.12 -5.25 3.45
CA SER A 129 -18.79 -5.53 2.91
C SER A 129 -18.90 -6.40 1.67
N PRO A 130 -17.85 -6.42 0.86
CA PRO A 130 -17.90 -7.32 -0.27
C PRO A 130 -18.13 -8.76 0.15
N ILE A 131 -17.65 -9.18 1.31
CA ILE A 131 -17.94 -10.53 1.82
C ILE A 131 -19.45 -10.76 1.96
N MET A 132 -20.15 -9.74 2.45
CA MET A 132 -21.61 -9.81 2.67
C MET A 132 -22.40 -9.77 1.35
N LEU A 133 -21.83 -9.10 0.34
CA LEU A 133 -22.44 -9.04 -0.96
C LEU A 133 -22.42 -10.39 -1.69
N THR A 134 -21.58 -11.32 -1.25
CA THR A 134 -21.61 -12.66 -1.85
C THR A 134 -22.94 -13.36 -1.57
N ALA A 135 -23.60 -12.99 -0.47
CA ALA A 135 -24.85 -13.65 -0.02
C ALA A 135 -25.89 -13.76 -1.11
N LEU A 136 -26.02 -12.76 -1.97
CA LEU A 136 -26.98 -12.80 -3.09
C LEU A 136 -26.45 -13.42 -4.40
N ALA A 137 -25.18 -13.82 -4.44
CA ALA A 137 -24.61 -14.48 -5.61
C ALA A 137 -25.01 -15.96 -5.66
N THR A 138 -25.29 -16.43 -6.87
CA THR A 138 -25.51 -17.84 -7.17
C THR A 138 -24.20 -18.32 -7.78
N LEU A 139 -23.46 -19.12 -7.04
CA LEU A 139 -22.15 -19.59 -7.51
C LEU A 139 -22.38 -20.70 -8.52
N LYS A 140 -21.74 -20.59 -9.67
CA LYS A 140 -21.93 -21.51 -10.79
C LYS A 140 -20.85 -22.58 -10.92
N THR A 141 -19.58 -22.18 -10.76
CA THR A 141 -18.42 -23.05 -11.01
C THR A 141 -17.50 -23.18 -9.79
N GLN A 142 -16.64 -24.19 -9.82
CA GLN A 142 -15.65 -24.40 -8.77
C GLN A 142 -14.62 -23.26 -8.74
N ASP A 143 -14.23 -22.75 -9.90
CA ASP A 143 -13.44 -21.52 -9.95
C ASP A 143 -14.06 -20.36 -9.13
N ASP A 144 -15.35 -20.13 -9.29
CA ASP A 144 -16.07 -19.09 -8.56
C ASP A 144 -16.05 -19.39 -7.03
N ILE A 145 -16.34 -20.65 -6.69
CA ILE A 145 -16.30 -21.12 -5.31
C ILE A 145 -14.93 -20.84 -4.66
N GLU A 146 -13.84 -21.20 -5.34
CA GLU A 146 -12.47 -20.93 -4.85
C GLU A 146 -12.17 -19.44 -4.67
N THR A 147 -12.58 -18.61 -5.63
CA THR A 147 -12.46 -17.16 -5.48
C THR A 147 -13.20 -16.67 -4.22
N VAL A 148 -14.42 -17.16 -4.04
CA VAL A 148 -15.21 -16.79 -2.87
C VAL A 148 -14.52 -17.22 -1.58
N LEU A 149 -14.01 -18.44 -1.54
CA LEU A 149 -13.27 -18.95 -0.37
C LEU A 149 -12.04 -18.06 -0.04
N GLN A 150 -11.35 -17.58 -1.08
CA GLN A 150 -10.18 -16.72 -0.92
C GLN A 150 -10.59 -15.38 -0.34
N LEU A 151 -11.68 -14.83 -0.89
CA LEU A 151 -12.26 -13.59 -0.39
C LEU A 151 -12.59 -13.68 1.10
N PHE A 152 -13.26 -14.77 1.48
CA PHE A 152 -13.71 -15.00 2.86
C PHE A 152 -12.52 -15.09 3.81
N ARG A 153 -11.50 -15.81 3.38
CA ARG A 153 -10.31 -16.02 4.20
C ARG A 153 -9.38 -14.80 4.34
N LEU A 154 -9.58 -13.77 3.50
CA LEU A 154 -8.91 -12.46 3.66
C LEU A 154 -9.57 -11.52 4.67
N GLY A 155 -10.79 -11.81 5.14
CA GLY A 155 -11.45 -10.92 6.10
C GLY A 155 -12.20 -11.66 7.19
N ASN A 156 -13.05 -10.94 7.91
CA ASN A 156 -13.75 -11.47 9.07
C ASN A 156 -15.14 -11.89 8.65
N ILE A 157 -15.33 -13.18 8.44
CA ILE A 157 -16.60 -13.68 7.94
C ILE A 157 -17.76 -13.48 8.95
N ASN A 158 -17.43 -13.28 10.23
CA ASN A 158 -18.42 -13.05 11.29
C ASN A 158 -18.81 -11.60 11.52
N ALA A 159 -18.27 -10.66 10.73
CA ALA A 159 -18.58 -9.24 10.94
C ALA A 159 -20.06 -9.00 10.70
N LYS A 160 -20.56 -7.93 11.31
CA LYS A 160 -21.96 -7.61 11.29
C LYS A 160 -22.17 -6.31 10.48
N ALA A 161 -23.17 -6.33 9.61
CA ALA A 161 -23.57 -5.15 8.85
C ALA A 161 -24.10 -4.05 9.79
N SER A 162 -23.96 -2.79 9.40
CA SER A 162 -24.21 -1.68 10.32
C SER A 162 -25.69 -1.46 10.55
N GLN A 163 -26.51 -1.87 9.59
CA GLN A 163 -27.95 -1.68 9.65
C GLN A 163 -28.66 -2.49 10.74
N ALA A 164 -28.65 -3.82 10.60
CA ALA A 164 -29.38 -4.72 11.50
C ALA A 164 -28.47 -5.67 12.24
N GLY A 165 -27.15 -5.48 12.16
CA GLY A 165 -26.20 -6.42 12.76
C GLY A 165 -26.18 -7.81 12.15
N GLN A 166 -26.60 -7.93 10.88
CA GLN A 166 -26.64 -9.21 10.20
C GLN A 166 -25.24 -9.59 9.68
N THR A 167 -24.94 -10.89 9.66
CA THR A 167 -23.73 -11.43 9.08
C THR A 167 -23.96 -11.88 7.65
N ALA A 168 -22.88 -12.21 6.97
CA ALA A 168 -22.94 -12.84 5.65
C ALA A 168 -23.76 -14.12 5.67
N LEU A 169 -23.56 -14.95 6.69
CA LEU A 169 -24.28 -16.22 6.80
C LEU A 169 -25.81 -16.00 6.87
N MET A 170 -26.24 -15.03 7.66
CA MET A 170 -27.69 -14.75 7.80
C MET A 170 -28.28 -14.26 6.50
N LEU A 171 -27.55 -13.36 5.85
CA LEU A 171 -27.99 -12.84 4.57
C LEU A 171 -28.10 -13.98 3.55
N ALA A 172 -27.06 -14.82 3.48
CA ALA A 172 -27.06 -15.92 2.52
C ALA A 172 -28.15 -16.95 2.84
N VAL A 173 -28.33 -17.26 4.13
CA VAL A 173 -29.38 -18.18 4.55
C VAL A 173 -30.77 -17.67 4.19
N SER A 174 -31.04 -16.38 4.39
CA SER A 174 -32.37 -15.79 4.09
C SER A 174 -32.69 -15.74 2.61
N HIS A 175 -31.65 -15.74 1.77
CA HIS A 175 -31.85 -15.73 0.32
C HIS A 175 -31.67 -17.07 -0.35
N GLY A 176 -31.66 -18.14 0.45
CA GLY A 176 -31.62 -19.50 -0.06
C GLY A 176 -30.42 -19.88 -0.91
N ARG A 177 -29.29 -19.19 -0.73
CA ARG A 177 -28.10 -19.42 -1.57
C ARG A 177 -27.23 -20.47 -0.88
N VAL A 178 -27.53 -21.73 -1.18
CA VAL A 178 -26.93 -22.85 -0.48
C VAL A 178 -25.40 -22.88 -0.67
N ASP A 179 -24.92 -22.64 -1.89
CA ASP A 179 -23.48 -22.73 -2.14
C ASP A 179 -22.70 -21.65 -1.38
N VAL A 180 -23.26 -20.45 -1.23
CA VAL A 180 -22.62 -19.40 -0.42
C VAL A 180 -22.62 -19.81 1.07
N VAL A 181 -23.70 -20.45 1.51
CA VAL A 181 -23.77 -21.04 2.88
C VAL A 181 -22.71 -22.14 3.05
N LYS A 182 -22.54 -23.00 2.06
CA LYS A 182 -21.51 -24.05 2.14
C LYS A 182 -20.09 -23.48 2.22
N ALA A 183 -19.82 -22.43 1.44
CA ALA A 183 -18.49 -21.78 1.43
C ALA A 183 -18.19 -21.07 2.74
N LEU A 184 -19.24 -20.49 3.34
CA LEU A 184 -19.07 -19.81 4.62
C LEU A 184 -18.74 -20.80 5.72
N LEU A 185 -19.44 -21.93 5.75
CA LEU A 185 -19.20 -22.96 6.76
C LEU A 185 -17.87 -23.67 6.57
N ALA A 186 -17.41 -23.80 5.32
CA ALA A 186 -16.07 -24.31 5.05
C ALA A 186 -14.98 -23.36 5.59
N CYS A 187 -15.26 -22.07 5.70
CA CYS A 187 -14.34 -21.13 6.34
C CYS A 187 -14.67 -20.93 7.83
N GLU A 188 -15.34 -21.90 8.44
CA GLU A 188 -15.58 -21.93 9.89
C GLU A 188 -16.39 -20.73 10.38
N ALA A 189 -17.41 -20.34 9.62
CA ALA A 189 -18.27 -19.23 10.03
C ALA A 189 -18.97 -19.57 11.34
N ASP A 190 -19.09 -18.56 12.20
CA ASP A 190 -19.78 -18.71 13.50
C ASP A 190 -21.31 -18.69 13.27
N VAL A 191 -21.93 -19.86 13.40
CA VAL A 191 -23.38 -20.01 13.24
C VAL A 191 -24.22 -19.38 14.37
N ASN A 192 -23.61 -19.11 15.52
CA ASN A 192 -24.36 -18.62 16.70
C ASN A 192 -24.41 -17.11 16.83
N VAL A 193 -23.90 -16.38 15.85
CA VAL A 193 -23.93 -14.90 15.92
C VAL A 193 -25.40 -14.51 15.82
N GLN A 194 -25.76 -13.45 16.55
CA GLN A 194 -27.12 -12.93 16.61
C GLN A 194 -27.13 -11.50 16.09
N ASP A 195 -28.17 -11.16 15.32
CA ASP A 195 -28.36 -9.79 14.83
C ASP A 195 -29.00 -8.90 15.94
N ASP A 196 -29.33 -7.66 15.61
CA ASP A 196 -29.79 -6.72 16.63
C ASP A 196 -31.08 -7.16 17.28
N ASP A 197 -31.92 -7.90 16.54
CA ASP A 197 -33.16 -8.48 17.08
C ASP A 197 -32.90 -9.74 17.89
N GLY A 198 -31.66 -10.22 17.96
CA GLY A 198 -31.34 -11.52 18.55
C GLY A 198 -31.54 -12.74 17.63
N SER A 199 -31.71 -12.50 16.33
CA SER A 199 -31.94 -13.59 15.39
C SER A 199 -30.64 -14.29 15.03
N THR A 200 -30.68 -15.61 14.94
CA THR A 200 -29.56 -16.38 14.41
C THR A 200 -29.81 -16.79 12.95
N ALA A 201 -28.77 -17.37 12.34
CA ALA A 201 -28.85 -17.93 10.98
C ALA A 201 -29.86 -19.06 10.92
N LEU A 202 -29.86 -19.93 11.93
CA LEU A 202 -30.85 -21.01 11.97
C LEU A 202 -32.29 -20.46 11.97
N MET A 203 -32.54 -19.36 12.70
CA MET A 203 -33.87 -18.73 12.72
C MET A 203 -34.26 -18.15 11.34
N CYS A 204 -33.28 -17.63 10.59
CA CYS A 204 -33.54 -17.21 9.21
C CYS A 204 -34.00 -18.39 8.35
N ALA A 205 -33.33 -19.53 8.46
CA ALA A 205 -33.72 -20.73 7.73
C ALA A 205 -35.15 -21.17 8.08
N CYS A 206 -35.53 -21.03 9.34
CA CYS A 206 -36.89 -21.38 9.78
C CYS A 206 -37.96 -20.43 9.20
N GLU A 207 -37.74 -19.12 9.30
CA GLU A 207 -38.65 -18.12 8.70
C GLU A 207 -38.90 -18.36 7.22
N HIS A 208 -37.82 -18.53 6.47
CA HIS A 208 -37.91 -18.68 5.04
C HIS A 208 -38.08 -20.13 4.60
N GLY A 209 -38.12 -21.08 5.54
CA GLY A 209 -38.36 -22.48 5.21
C GLY A 209 -37.31 -23.14 4.32
N HIS A 210 -36.04 -22.85 4.55
CA HIS A 210 -34.96 -23.43 3.75
C HIS A 210 -34.49 -24.67 4.47
N LYS A 211 -35.12 -25.79 4.12
CA LYS A 211 -34.96 -27.07 4.83
C LYS A 211 -33.53 -27.61 4.74
N GLU A 212 -32.97 -27.62 3.54
CA GLU A 212 -31.60 -28.11 3.34
C GLU A 212 -30.60 -27.24 4.13
N ILE A 213 -30.75 -25.92 4.03
CA ILE A 213 -29.85 -24.97 4.69
C ILE A 213 -29.90 -25.13 6.22
N ALA A 214 -31.10 -25.30 6.79
CA ALA A 214 -31.22 -25.63 8.22
C ALA A 214 -30.40 -26.89 8.55
N GLY A 215 -30.46 -27.89 7.68
CA GLY A 215 -29.62 -29.09 7.79
C GLY A 215 -28.15 -28.77 7.90
N LEU A 216 -27.66 -27.99 6.95
CA LEU A 216 -26.26 -27.60 6.93
C LEU A 216 -25.85 -26.92 8.25
N LEU A 217 -26.72 -26.07 8.78
CA LEU A 217 -26.43 -25.34 10.00
C LEU A 217 -26.44 -26.26 11.22
N LEU A 218 -27.46 -27.10 11.31
CA LEU A 218 -27.56 -28.07 12.39
C LEU A 218 -26.42 -29.11 12.37
N ALA A 219 -25.83 -29.37 11.20
CA ALA A 219 -24.64 -30.24 11.10
C ALA A 219 -23.39 -29.66 11.78
N VAL A 220 -23.36 -28.34 11.98
CA VAL A 220 -22.27 -27.66 12.73
C VAL A 220 -22.47 -27.99 14.22
N PRO A 221 -21.57 -28.80 14.80
CA PRO A 221 -21.82 -29.34 16.14
C PRO A 221 -22.06 -28.31 17.23
N SER A 222 -21.40 -27.16 17.15
CA SER A 222 -21.53 -26.08 18.13
C SER A 222 -22.81 -25.22 17.99
N CYS A 223 -23.62 -25.49 16.97
CA CYS A 223 -24.84 -24.73 16.68
C CYS A 223 -25.73 -24.78 17.91
N ASP A 224 -26.01 -23.60 18.47
CA ASP A 224 -26.74 -23.48 19.73
C ASP A 224 -28.19 -23.22 19.38
N ILE A 225 -29.03 -24.25 19.53
CA ILE A 225 -30.47 -24.11 19.26
C ILE A 225 -31.28 -23.51 20.42
N SER A 226 -30.67 -23.32 21.58
CA SER A 226 -31.42 -22.73 22.70
C SER A 226 -31.33 -21.19 22.74
N LEU A 227 -30.57 -20.57 21.84
CA LEU A 227 -30.51 -19.11 21.76
C LEU A 227 -31.87 -18.55 21.42
N THR A 228 -32.16 -17.38 21.98
CA THR A 228 -33.45 -16.74 21.88
C THR A 228 -33.26 -15.35 21.30
N ASP A 229 -34.26 -14.86 20.57
CA ASP A 229 -34.27 -13.46 20.10
C ASP A 229 -34.88 -12.55 21.18
N ARG A 230 -35.01 -11.26 20.87
CA ARG A 230 -35.59 -10.27 21.81
C ARG A 230 -36.98 -10.62 22.37
N ASP A 231 -37.81 -11.34 21.61
CA ASP A 231 -39.12 -11.84 22.10
C ASP A 231 -39.08 -13.23 22.75
N GLY A 232 -37.89 -13.77 23.00
CA GLY A 232 -37.77 -15.11 23.58
C GLY A 232 -38.02 -16.30 22.64
N SER A 233 -38.04 -16.08 21.33
CA SER A 233 -38.22 -17.18 20.38
C SER A 233 -36.94 -17.94 20.18
N THR A 234 -36.98 -19.26 20.32
CA THR A 234 -35.93 -20.12 19.85
C THR A 234 -36.21 -20.47 18.39
N ALA A 235 -35.23 -21.11 17.74
CA ALA A 235 -35.41 -21.57 16.38
C ALA A 235 -36.61 -22.50 16.24
N LEU A 236 -36.81 -23.38 17.21
CA LEU A 236 -37.96 -24.28 17.20
C LEU A 236 -39.26 -23.48 17.22
N MET A 237 -39.37 -22.53 18.15
CA MET A 237 -40.55 -21.64 18.19
C MET A 237 -40.75 -20.90 16.86
N VAL A 238 -39.66 -20.39 16.27
CA VAL A 238 -39.75 -19.70 14.98
C VAL A 238 -40.25 -20.67 13.89
N ALA A 239 -39.76 -21.90 13.92
CA ALA A 239 -40.13 -22.94 12.97
C ALA A 239 -41.59 -23.38 13.10
N LEU A 240 -42.07 -23.52 14.34
CA LEU A 240 -43.47 -23.87 14.60
C LEU A 240 -44.39 -22.72 14.17
N ASP A 241 -44.08 -21.49 14.58
CA ASP A 241 -44.88 -20.32 14.15
C ASP A 241 -44.88 -20.10 12.62
N ALA A 242 -43.87 -20.60 11.91
CA ALA A 242 -43.81 -20.53 10.44
C ALA A 242 -44.42 -21.76 9.75
N GLY A 243 -44.91 -22.72 10.51
CA GLY A 243 -45.50 -23.94 9.95
C GLY A 243 -44.50 -24.82 9.21
N GLN A 244 -43.22 -24.74 9.61
CA GLN A 244 -42.15 -25.50 8.96
C GLN A 244 -41.89 -26.80 9.72
N SER A 245 -42.68 -27.83 9.41
CA SER A 245 -42.67 -29.06 10.21
C SER A 245 -41.45 -29.95 9.95
N GLU A 246 -40.91 -29.90 8.72
CA GLU A 246 -39.67 -30.63 8.42
C GLU A 246 -38.49 -30.09 9.23
N ILE A 247 -38.35 -28.76 9.29
CA ILE A 247 -37.27 -28.10 10.06
C ILE A 247 -37.46 -28.36 11.57
N ALA A 248 -38.69 -28.11 12.05
CA ALA A 248 -39.10 -28.45 13.41
C ALA A 248 -38.74 -29.90 13.76
N SER A 249 -39.00 -30.82 12.84
CA SER A 249 -38.64 -32.23 13.03
C SER A 249 -37.13 -32.47 13.21
N MET A 250 -36.31 -31.71 12.49
CA MET A 250 -34.87 -31.87 12.61
C MET A 250 -34.39 -31.35 13.97
N LEU A 251 -35.03 -30.29 14.45
CA LEU A 251 -34.81 -29.77 15.79
C LEU A 251 -35.24 -30.73 16.90
N TYR A 252 -36.31 -31.50 16.68
CA TYR A 252 -36.67 -32.54 17.64
C TYR A 252 -35.57 -33.59 17.83
N SER A 253 -34.96 -34.01 16.72
CA SER A 253 -33.83 -34.97 16.76
C SER A 253 -32.60 -34.40 17.48
N ARG A 254 -32.31 -33.11 17.24
CA ARG A 254 -31.27 -32.42 17.98
C ARG A 254 -31.53 -32.32 19.48
N MET A 255 -32.79 -32.10 19.87
CA MET A 255 -33.19 -32.14 21.29
C MET A 255 -33.42 -33.58 21.79
N ASN A 256 -32.84 -34.57 21.12
CA ASN A 256 -32.86 -35.96 21.55
C ASN A 256 -34.28 -36.52 21.77
N ILE A 257 -35.07 -36.58 20.69
CA ILE A 257 -36.45 -37.09 20.73
C ILE A 257 -36.64 -38.20 19.69
N MET B 17 13.27 -15.03 17.82
CA MET B 17 13.19 -13.54 18.01
C MET B 17 11.76 -13.09 18.27
N GLU B 18 11.54 -12.42 19.40
CA GLU B 18 10.23 -11.91 19.79
C GLU B 18 10.00 -10.52 19.20
N LEU B 19 8.77 -10.22 18.81
CA LEU B 19 8.40 -8.89 18.33
C LEU B 19 8.17 -7.96 19.52
N SER B 20 8.29 -6.66 19.32
CA SER B 20 8.07 -5.70 20.41
C SER B 20 6.56 -5.58 20.69
N PRO B 21 6.08 -6.06 21.86
CA PRO B 21 4.63 -6.01 22.13
C PRO B 21 4.05 -4.59 22.12
N ASP B 22 4.80 -3.61 22.61
CA ASP B 22 4.41 -2.20 22.53
C ASP B 22 4.23 -1.70 21.09
N LEU B 23 5.09 -2.16 20.19
CA LEU B 23 5.01 -1.81 18.76
C LEU B 23 3.81 -2.49 18.07
N ILE B 24 3.66 -3.79 18.34
CA ILE B 24 2.59 -4.59 17.74
C ILE B 24 1.25 -4.04 18.22
N SER B 25 1.09 -3.85 19.54
CA SER B 25 -0.12 -3.24 20.12
C SER B 25 -0.46 -1.89 19.49
N ALA B 26 0.53 -1.02 19.38
CA ALA B 26 0.35 0.28 18.72
C ALA B 26 0.04 0.16 17.22
N CYS B 27 0.56 -0.89 16.57
CA CYS B 27 0.24 -1.14 15.16
C CYS B 27 -1.20 -1.62 14.96
N LEU B 28 -1.68 -2.49 15.84
CA LEU B 28 -3.07 -2.96 15.82
C LEU B 28 -4.07 -1.79 15.89
N ALA B 29 -3.78 -0.81 16.75
CA ALA B 29 -4.62 0.38 16.90
C ALA B 29 -4.53 1.27 15.67
N LEU B 30 -3.34 1.40 15.08
CA LEU B 30 -3.18 2.09 13.81
C LEU B 30 -3.94 1.42 12.67
N GLU B 31 -3.90 0.08 12.61
CA GLU B 31 -4.60 -0.70 11.56
C GLU B 31 -6.07 -0.30 11.48
N LYS B 32 -6.73 -0.20 12.64
CA LYS B 32 -8.14 0.24 12.73
C LYS B 32 -8.35 1.65 12.15
N TYR B 33 -7.55 2.63 12.59
CA TYR B 33 -7.74 4.03 12.20
C TYR B 33 -7.50 4.26 10.72
N LEU B 34 -6.39 3.69 10.22
CA LEU B 34 -6.05 3.66 8.79
C LEU B 34 -7.15 3.10 7.90
N ASP B 35 -7.84 2.06 8.37
CA ASP B 35 -8.89 1.44 7.58
C ASP B 35 -10.21 2.18 7.78
N ASN B 36 -10.51 2.62 9.01
CA ASN B 36 -11.81 3.22 9.36
C ASN B 36 -11.64 4.40 10.37
N PRO B 37 -11.51 5.66 9.90
CA PRO B 37 -11.21 6.79 10.81
C PRO B 37 -12.22 7.03 11.96
N ASN B 38 -13.46 6.55 11.82
CA ASN B 38 -14.45 6.57 12.89
C ASN B 38 -14.37 5.36 13.85
N ALA B 39 -13.35 4.50 13.68
CA ALA B 39 -13.15 3.33 14.55
C ALA B 39 -11.99 3.50 15.55
N LEU B 40 -11.47 4.72 15.66
CA LEU B 40 -10.51 5.07 16.71
C LEU B 40 -10.64 6.55 17.07
N THR B 41 -10.54 6.84 18.37
CA THR B 41 -10.47 8.22 18.85
C THR B 41 -9.16 8.90 18.41
N GLU B 42 -9.16 10.23 18.38
CA GLU B 42 -7.96 11.04 18.09
C GLU B 42 -6.99 11.15 19.27
N ARG B 43 -7.52 11.15 20.50
CA ARG B 43 -6.69 10.94 21.69
C ARG B 43 -5.97 9.60 21.59
N GLU B 44 -6.73 8.55 21.26
CA GLU B 44 -6.18 7.19 21.07
C GLU B 44 -5.22 7.10 19.88
N LEU B 45 -5.58 7.71 18.76
CA LEU B 45 -4.72 7.75 17.57
C LEU B 45 -3.38 8.44 17.83
N LYS B 46 -3.42 9.51 18.63
CA LYS B 46 -2.23 10.29 18.99
C LYS B 46 -1.17 9.42 19.68
N VAL B 47 -1.57 8.80 20.80
CA VAL B 47 -0.66 7.95 21.60
C VAL B 47 -0.11 6.74 20.82
N ALA B 48 -0.93 6.17 19.92
CA ALA B 48 -0.51 5.04 19.08
C ALA B 48 0.49 5.41 17.97
N TYR B 49 0.23 6.54 17.31
CA TYR B 49 1.15 7.09 16.31
C TYR B 49 2.53 7.31 16.94
N THR B 50 2.53 8.02 18.06
CA THR B 50 3.76 8.33 18.80
C THR B 50 4.55 7.09 19.22
N THR B 51 3.83 6.07 19.69
CA THR B 51 4.45 4.79 20.07
C THR B 51 5.00 4.07 18.85
N VAL B 52 4.21 3.96 17.77
CA VAL B 52 4.68 3.28 16.57
C VAL B 52 5.95 3.99 16.08
N LEU B 53 5.88 5.32 16.01
CA LEU B 53 6.99 6.16 15.57
C LEU B 53 8.25 5.94 16.40
N GLN B 54 8.09 5.99 17.72
CA GLN B 54 9.20 5.76 18.65
C GLN B 54 9.78 4.37 18.46
N GLU B 55 8.92 3.36 18.52
CA GLU B 55 9.34 1.96 18.51
C GLU B 55 9.91 1.50 17.17
N TRP B 56 9.25 1.87 16.07
CA TRP B 56 9.69 1.47 14.72
C TRP B 56 11.10 2.01 14.39
N LEU B 57 11.34 3.27 14.75
CA LEU B 57 12.67 3.89 14.68
C LEU B 57 13.73 3.13 15.47
N ARG B 58 13.43 2.90 16.75
CA ARG B 58 14.33 2.13 17.60
C ARG B 58 14.62 0.74 17.02
N LEU B 59 13.61 0.10 16.42
CA LEU B 59 13.77 -1.23 15.83
C LEU B 59 14.77 -1.30 14.65
N ALA B 60 14.62 -0.40 13.66
CA ALA B 60 15.38 -0.49 12.41
C ALA B 60 16.38 0.64 12.14
N CYS B 61 16.22 1.77 12.81
CA CYS B 61 16.93 2.99 12.43
C CYS B 61 18.21 3.28 13.18
N ARG B 62 18.54 2.49 14.19
N ARG B 62 18.56 2.50 14.20
CA ARG B 62 19.84 2.58 14.86
CA ARG B 62 19.86 2.64 14.86
C ARG B 62 20.95 2.05 13.94
C ARG B 62 20.95 2.04 13.95
N SER B 63 22.20 2.32 14.31
CA SER B 63 23.37 1.80 13.56
C SER B 63 23.58 0.30 13.82
N ASP B 64 23.15 -0.18 15.00
CA ASP B 64 22.80 -1.59 15.17
C ASP B 64 21.41 -1.76 14.55
N ALA B 65 21.24 -2.78 13.72
CA ALA B 65 19.91 -3.14 13.22
C ALA B 65 20.02 -4.46 12.49
N HIS B 66 19.28 -5.46 12.97
CA HIS B 66 19.31 -6.79 12.38
C HIS B 66 18.34 -6.82 11.17
N PRO B 67 18.83 -7.18 9.95
CA PRO B 67 17.91 -7.24 8.79
C PRO B 67 16.73 -8.23 8.93
N GLU B 68 16.99 -9.41 9.48
CA GLU B 68 15.96 -10.43 9.67
C GLU B 68 14.91 -9.98 10.68
N LEU B 69 15.33 -9.34 11.75
CA LEU B 69 14.38 -8.79 12.73
C LEU B 69 13.50 -7.72 12.09
N VAL B 70 14.09 -6.91 11.21
CA VAL B 70 13.33 -5.96 10.39
C VAL B 70 12.34 -6.71 9.51
N ARG B 71 12.84 -7.68 8.73
CA ARG B 71 11.99 -8.50 7.84
C ARG B 71 10.77 -9.11 8.55
N ARG B 72 10.98 -9.68 9.73
CA ARG B 72 9.90 -10.37 10.42
C ARG B 72 8.87 -9.42 11.02
N HIS B 73 9.23 -8.16 11.20
CA HIS B 73 8.25 -7.13 11.53
C HIS B 73 7.41 -6.72 10.31
N LEU B 74 8.05 -6.60 9.14
CA LEU B 74 7.36 -6.22 7.91
C LEU B 74 6.29 -7.22 7.49
N VAL B 75 6.57 -8.51 7.64
CA VAL B 75 5.63 -9.58 7.29
C VAL B 75 4.42 -9.49 8.19
N THR B 76 4.68 -9.27 9.48
CA THR B 76 3.62 -9.10 10.47
C THR B 76 2.81 -7.82 10.21
N PHE B 77 3.47 -6.74 9.78
CA PHE B 77 2.75 -5.52 9.36
C PHE B 77 1.89 -5.80 8.12
N ARG B 78 2.45 -6.53 7.16
CA ARG B 78 1.73 -6.83 5.90
C ARG B 78 0.55 -7.74 6.16
N ALA B 79 0.71 -8.70 7.06
CA ALA B 79 -0.39 -9.56 7.50
C ALA B 79 -1.46 -8.84 8.33
N MET B 80 -1.24 -7.57 8.69
CA MET B 80 -2.26 -6.75 9.34
C MET B 80 -3.04 -5.87 8.37
N SER B 81 -2.34 -5.35 7.35
CA SER B 81 -2.94 -4.52 6.30
C SER B 81 -1.79 -4.07 5.37
N ALA B 82 -2.05 -4.02 4.06
CA ALA B 82 -1.08 -3.50 3.10
C ALA B 82 -0.87 -2.00 3.32
N ARG B 83 -1.96 -1.32 3.64
CA ARG B 83 -1.91 0.11 3.95
C ARG B 83 -1.15 0.40 5.24
N LEU B 84 -1.25 -0.50 6.21
CA LEU B 84 -0.48 -0.40 7.45
C LEU B 84 1.01 -0.57 7.16
N LEU B 85 1.37 -1.52 6.29
CA LEU B 85 2.77 -1.71 5.92
C LEU B 85 3.33 -0.42 5.31
N ASP B 86 2.60 0.16 4.39
CA ASP B 86 2.99 1.41 3.75
C ASP B 86 3.23 2.49 4.82
N TYR B 87 2.21 2.76 5.62
CA TYR B 87 2.25 3.81 6.65
C TYR B 87 3.43 3.68 7.62
N VAL B 88 3.72 2.45 8.05
CA VAL B 88 4.82 2.20 8.99
C VAL B 88 6.19 2.37 8.36
N VAL B 89 6.41 1.71 7.22
CA VAL B 89 7.71 1.79 6.52
C VAL B 89 8.07 3.25 6.15
N ASN B 90 7.06 4.07 5.87
CA ASN B 90 7.25 5.47 5.46
C ASN B 90 6.94 6.51 6.54
N ILE B 91 6.86 6.09 7.79
CA ILE B 91 6.58 7.00 8.90
C ILE B 91 7.85 7.81 9.16
N ALA B 92 7.68 9.12 9.36
CA ALA B 92 8.80 10.04 9.49
C ALA B 92 8.79 10.75 10.83
N ASP B 93 9.97 10.90 11.41
CA ASP B 93 10.13 11.70 12.63
C ASP B 93 10.04 13.20 12.36
N SER B 94 10.30 14.01 13.38
CA SER B 94 10.25 15.47 13.27
C SER B 94 11.25 16.07 12.27
N ASN B 95 12.30 15.32 11.92
CA ASN B 95 13.23 15.74 10.88
C ASN B 95 12.84 15.28 9.48
N GLY B 96 11.66 14.67 9.34
CA GLY B 96 11.26 14.08 8.05
C GLY B 96 12.05 12.84 7.65
N ASN B 97 12.75 12.23 8.60
CA ASN B 97 13.54 11.04 8.31
C ASN B 97 12.77 9.75 8.54
N THR B 98 12.90 8.85 7.57
CA THR B 98 12.31 7.54 7.60
C THR B 98 13.41 6.53 7.83
N ALA B 99 13.00 5.30 8.11
CA ALA B 99 13.90 4.17 8.28
C ALA B 99 14.88 4.01 7.13
N LEU B 100 14.46 4.31 5.90
CA LEU B 100 15.34 4.26 4.73
C LEU B 100 16.39 5.36 4.75
N HIS B 101 16.00 6.56 5.18
CA HIS B 101 16.94 7.65 5.33
C HIS B 101 18.06 7.22 6.30
N TYR B 102 17.68 6.86 7.54
CA TYR B 102 18.68 6.48 8.56
C TYR B 102 19.53 5.27 8.14
N SER B 103 18.89 4.22 7.61
CA SER B 103 19.63 3.01 7.23
C SER B 103 20.59 3.26 6.07
N VAL B 104 20.22 4.12 5.14
CA VAL B 104 21.15 4.55 4.08
C VAL B 104 22.29 5.39 4.69
N SER B 105 21.94 6.35 5.54
CA SER B 105 22.92 7.20 6.24
C SER B 105 23.95 6.38 7.02
N HIS B 106 23.46 5.43 7.80
CA HIS B 106 24.31 4.51 8.55
C HIS B 106 24.98 3.43 7.69
N ALA B 107 24.82 3.49 6.37
CA ALA B 107 25.38 2.48 5.46
C ALA B 107 25.01 1.03 5.82
N ASN B 108 23.84 0.85 6.42
CA ASN B 108 23.34 -0.47 6.79
C ASN B 108 22.48 -0.97 5.63
N PHE B 109 23.14 -1.50 4.61
CA PHE B 109 22.47 -1.90 3.36
C PHE B 109 21.64 -3.18 3.43
N PRO B 110 22.02 -4.15 4.28
CA PRO B 110 21.12 -5.28 4.50
C PRO B 110 19.75 -4.85 5.00
N VAL B 111 19.70 -3.91 5.96
CA VAL B 111 18.44 -3.27 6.37
C VAL B 111 17.79 -2.48 5.22
N VAL B 112 18.60 -1.73 4.46
CA VAL B 112 18.10 -1.05 3.25
C VAL B 112 17.41 -2.07 2.33
N GLN B 113 18.11 -3.18 2.05
CA GLN B 113 17.58 -4.23 1.17
C GLN B 113 16.26 -4.79 1.63
N GLN B 114 16.13 -5.07 2.93
CA GLN B 114 14.87 -5.56 3.48
C GLN B 114 13.75 -4.52 3.36
N LEU B 115 14.09 -3.24 3.55
CA LEU B 115 13.11 -2.17 3.31
C LEU B 115 12.68 -2.09 1.85
N LEU B 116 13.63 -2.13 0.91
CA LEU B 116 13.26 -2.10 -0.51
C LEU B 116 12.41 -3.30 -0.91
N ASP B 117 12.70 -4.47 -0.32
CA ASP B 117 11.96 -5.69 -0.59
C ASP B 117 10.50 -5.65 -0.12
N SER B 118 10.17 -4.70 0.75
CA SER B 118 8.80 -4.46 1.17
C SER B 118 7.89 -4.05 0.01
N GLY B 119 8.47 -3.46 -1.04
CA GLY B 119 7.70 -2.98 -2.16
C GLY B 119 7.01 -1.64 -1.91
N VAL B 120 7.19 -1.05 -0.72
CA VAL B 120 6.48 0.18 -0.36
C VAL B 120 7.41 1.38 -0.06
N CYS B 121 8.71 1.22 -0.25
CA CYS B 121 9.63 2.33 -0.04
C CYS B 121 9.41 3.51 -0.93
N LYS B 122 9.72 4.70 -0.42
CA LYS B 122 9.74 5.91 -1.19
C LYS B 122 11.15 6.45 -1.19
N VAL B 123 11.87 6.12 -2.26
CA VAL B 123 13.30 6.38 -2.37
C VAL B 123 13.66 7.82 -2.75
N ASP B 124 12.65 8.61 -3.18
CA ASP B 124 12.80 10.03 -3.51
C ASP B 124 12.29 10.98 -2.43
N LYS B 125 11.70 10.46 -1.37
CA LYS B 125 11.09 11.30 -0.34
C LYS B 125 12.16 12.10 0.35
N GLN B 126 12.07 13.42 0.26
CA GLN B 126 13.09 14.26 0.86
C GLN B 126 12.78 14.54 2.31
N ASN B 127 13.81 14.51 3.15
CA ASN B 127 13.65 14.88 4.55
C ASN B 127 13.52 16.41 4.67
N ARG B 128 13.47 16.92 5.89
CA ARG B 128 13.38 18.36 6.15
C ARG B 128 14.55 19.16 5.61
N ALA B 129 15.75 18.59 5.69
CA ALA B 129 16.97 19.24 5.15
C ALA B 129 17.00 19.27 3.61
N GLY B 130 16.12 18.48 2.98
CA GLY B 130 15.90 18.48 1.57
C GLY B 130 16.52 17.32 0.81
N TYR B 131 16.85 16.22 1.48
CA TYR B 131 17.54 15.09 0.85
C TYR B 131 16.77 13.80 0.97
N SER B 132 16.85 13.01 -0.09
CA SER B 132 16.18 11.72 -0.17
C SER B 132 17.19 10.63 0.16
N PRO B 133 16.73 9.38 0.34
CA PRO B 133 17.61 8.25 0.54
C PRO B 133 18.64 8.02 -0.56
N ILE B 134 18.25 8.18 -1.82
CA ILE B 134 19.21 8.14 -2.93
C ILE B 134 20.35 9.15 -2.76
N MET B 135 20.04 10.34 -2.26
CA MET B 135 21.04 11.38 -2.04
C MET B 135 21.95 11.06 -0.88
N LEU B 136 21.43 10.41 0.16
CA LEU B 136 22.23 10.08 1.32
C LEU B 136 23.31 9.04 1.02
N THR B 137 23.22 8.30 -0.10
CA THR B 137 24.27 7.32 -0.45
C THR B 137 25.63 7.96 -0.70
N ALA B 138 25.65 9.27 -0.94
CA ALA B 138 26.88 10.01 -1.18
C ALA B 138 27.91 9.97 -0.05
N LEU B 139 27.55 9.48 1.14
CA LEU B 139 28.51 9.32 2.23
C LEU B 139 28.86 7.86 2.55
N ALA B 140 28.32 6.93 1.78
CA ALA B 140 28.63 5.52 1.98
C ALA B 140 29.80 5.12 1.11
N THR B 141 30.59 4.20 1.66
CA THR B 141 31.65 3.51 0.95
C THR B 141 31.08 2.15 0.65
N LEU B 142 31.10 1.75 -0.61
CA LEU B 142 30.54 0.47 -1.00
C LEU B 142 31.63 -0.59 -0.93
N LYS B 143 31.48 -1.49 0.05
CA LYS B 143 32.50 -2.50 0.38
C LYS B 143 32.19 -3.83 -0.32
N THR B 144 30.97 -4.35 -0.13
CA THR B 144 30.59 -5.67 -0.66
C THR B 144 29.76 -5.54 -1.92
N GLN B 145 29.71 -6.63 -2.68
CA GLN B 145 28.90 -6.69 -3.90
C GLN B 145 27.41 -6.56 -3.60
N ASP B 146 26.98 -7.02 -2.43
CA ASP B 146 25.59 -6.86 -2.02
C ASP B 146 25.26 -5.40 -1.70
N ASP B 147 26.24 -4.65 -1.18
CA ASP B 147 26.09 -3.21 -0.98
C ASP B 147 25.99 -2.46 -2.33
N ILE B 148 26.77 -2.88 -3.32
CA ILE B 148 26.68 -2.28 -4.65
C ILE B 148 25.27 -2.54 -5.23
N GLU B 149 24.85 -3.82 -5.23
CA GLU B 149 23.56 -4.23 -5.80
C GLU B 149 22.33 -3.65 -5.10
N THR B 150 22.39 -3.48 -3.79
CA THR B 150 21.35 -2.78 -3.02
C THR B 150 21.26 -1.29 -3.41
N VAL B 151 22.41 -0.65 -3.58
CA VAL B 151 22.47 0.76 -4.02
C VAL B 151 21.97 0.95 -5.48
N LEU B 152 22.29 0.00 -6.35
CA LEU B 152 21.82 0.03 -7.72
C LEU B 152 20.29 -0.19 -7.76
N GLN B 153 19.79 -1.15 -6.99
CA GLN B 153 18.34 -1.35 -6.88
C GLN B 153 17.66 -0.08 -6.35
N LEU B 154 18.22 0.52 -5.30
CA LEU B 154 17.77 1.81 -4.76
C LEU B 154 17.75 2.91 -5.81
N PHE B 155 18.82 2.99 -6.62
CA PHE B 155 18.89 4.02 -7.65
C PHE B 155 17.80 3.83 -8.71
N ARG B 156 17.56 2.59 -9.13
CA ARG B 156 16.63 2.28 -10.20
C ARG B 156 15.16 2.38 -9.82
N LEU B 157 14.86 2.39 -8.52
CA LEU B 157 13.49 2.64 -8.03
C LEU B 157 13.08 4.11 -8.06
N GLY B 158 14.01 5.06 -8.17
CA GLY B 158 13.67 6.48 -8.06
C GLY B 158 14.28 7.30 -9.18
N ASN B 159 14.21 8.62 -9.02
CA ASN B 159 14.78 9.56 -10.00
C ASN B 159 16.19 9.99 -9.55
N ILE B 160 17.23 9.37 -10.11
CA ILE B 160 18.62 9.75 -9.71
C ILE B 160 19.04 11.18 -10.06
N ASN B 161 18.31 11.84 -10.97
CA ASN B 161 18.54 13.23 -11.34
C ASN B 161 17.78 14.25 -10.48
N ALA B 162 17.07 13.79 -9.43
CA ALA B 162 16.28 14.70 -8.58
C ALA B 162 17.23 15.65 -7.88
N LYS B 163 16.71 16.84 -7.55
CA LYS B 163 17.48 17.92 -7.00
C LYS B 163 17.06 18.18 -5.56
N ALA B 164 18.02 18.25 -4.65
CA ALA B 164 17.73 18.57 -3.25
C ALA B 164 17.12 19.96 -3.13
N SER B 165 16.24 20.15 -2.16
CA SER B 165 15.56 21.45 -1.99
C SER B 165 16.58 22.54 -1.62
N GLN B 166 17.60 22.21 -0.83
CA GLN B 166 18.70 23.15 -0.58
C GLN B 166 19.75 23.14 -1.70
N ALA B 167 19.77 24.24 -2.45
CA ALA B 167 20.74 24.47 -3.53
C ALA B 167 20.53 23.65 -4.81
N GLY B 168 19.53 22.79 -4.87
CA GLY B 168 19.24 22.06 -6.09
C GLY B 168 20.30 21.08 -6.50
N GLN B 169 21.03 20.50 -5.54
CA GLN B 169 22.11 19.57 -5.89
C GLN B 169 21.57 18.16 -6.15
N THR B 170 22.22 17.44 -7.06
CA THR B 170 21.90 16.03 -7.34
C THR B 170 22.71 15.09 -6.48
N ALA B 171 22.27 13.83 -6.42
CA ALA B 171 23.01 12.76 -5.78
C ALA B 171 24.43 12.68 -6.31
N LEU B 172 24.56 12.79 -7.63
CA LEU B 172 25.88 12.81 -8.28
C LEU B 172 26.76 13.96 -7.78
N MET B 173 26.23 15.18 -7.70
CA MET B 173 27.04 16.31 -7.25
C MET B 173 27.57 16.08 -5.84
N LEU B 174 26.71 15.51 -4.99
CA LEU B 174 27.06 15.23 -3.61
C LEU B 174 28.13 14.15 -3.52
N ALA B 175 27.98 13.09 -4.31
CA ALA B 175 28.93 11.97 -4.30
C ALA B 175 30.30 12.37 -4.86
N VAL B 176 30.29 13.20 -5.91
CA VAL B 176 31.53 13.78 -6.45
C VAL B 176 32.22 14.62 -5.37
N SER B 177 31.48 15.53 -4.75
CA SER B 177 32.07 16.44 -3.74
C SER B 177 32.68 15.74 -2.51
N HIS B 178 32.11 14.62 -2.09
CA HIS B 178 32.72 13.78 -1.05
C HIS B 178 33.73 12.76 -1.58
N GLY B 179 33.93 12.70 -2.90
CA GLY B 179 34.94 11.86 -3.51
C GLY B 179 34.65 10.38 -3.54
N ARG B 180 33.37 10.02 -3.45
N ARG B 180 33.38 10.00 -3.42
CA ARG B 180 32.96 8.62 -3.38
CA ARG B 180 33.00 8.60 -3.36
C ARG B 180 32.88 8.04 -4.80
C ARG B 180 32.89 8.03 -4.78
N VAL B 181 34.02 7.52 -5.26
CA VAL B 181 34.17 6.96 -6.61
C VAL B 181 33.17 5.84 -6.86
N ASP B 182 33.08 4.89 -5.92
CA ASP B 182 32.15 3.77 -6.07
C ASP B 182 30.67 4.23 -6.23
N VAL B 183 30.28 5.31 -5.54
CA VAL B 183 28.90 5.85 -5.65
C VAL B 183 28.73 6.59 -6.97
N VAL B 184 29.77 7.29 -7.42
CA VAL B 184 29.77 7.90 -8.75
C VAL B 184 29.66 6.81 -9.83
N LYS B 185 30.42 5.73 -9.72
CA LYS B 185 30.32 4.64 -10.70
C LYS B 185 28.94 3.99 -10.72
N ALA B 186 28.36 3.78 -9.54
CA ALA B 186 27.00 3.26 -9.45
C ALA B 186 25.99 4.21 -10.08
N LEU B 187 26.11 5.50 -9.80
CA LEU B 187 25.25 6.52 -10.42
C LEU B 187 25.37 6.57 -11.93
N LEU B 188 26.58 6.63 -12.44
CA LEU B 188 26.78 6.63 -13.90
C LEU B 188 26.36 5.31 -14.59
N ALA B 189 26.34 4.20 -13.86
CA ALA B 189 25.88 2.91 -14.42
C ALA B 189 24.35 2.88 -14.63
N CYS B 190 23.64 3.67 -13.81
CA CYS B 190 22.20 3.92 -13.95
C CYS B 190 21.91 5.19 -14.77
N GLU B 191 22.88 5.62 -15.59
CA GLU B 191 22.71 6.68 -16.60
C GLU B 191 22.32 8.05 -16.03
N ALA B 192 22.89 8.39 -14.88
CA ALA B 192 22.69 9.69 -14.26
C ALA B 192 23.08 10.80 -15.21
N ASP B 193 22.29 11.86 -15.22
CA ASP B 193 22.54 12.97 -16.12
C ASP B 193 23.69 13.80 -15.54
N VAL B 194 24.84 13.73 -16.20
CA VAL B 194 26.02 14.51 -15.79
C VAL B 194 25.88 16.03 -15.97
N ASN B 195 24.95 16.48 -16.80
CA ASN B 195 24.81 17.91 -17.11
C ASN B 195 23.81 18.67 -16.24
N VAL B 196 23.18 18.02 -15.26
CA VAL B 196 22.28 18.76 -14.35
C VAL B 196 23.03 19.88 -13.64
N GLN B 197 22.35 20.98 -13.43
CA GLN B 197 22.95 22.15 -12.80
C GLN B 197 22.19 22.50 -11.53
N ASP B 198 22.91 22.90 -10.48
CA ASP B 198 22.30 23.26 -9.20
C ASP B 198 21.85 24.72 -9.27
N ASP B 199 21.42 25.31 -8.16
CA ASP B 199 20.89 26.68 -8.15
C ASP B 199 21.92 27.73 -8.53
N ASP B 200 23.20 27.48 -8.27
CA ASP B 200 24.32 28.32 -8.72
C ASP B 200 24.70 28.13 -10.20
N GLY B 201 24.10 27.14 -10.85
CA GLY B 201 24.51 26.73 -12.20
C GLY B 201 25.68 25.75 -12.25
N SER B 202 26.03 25.13 -11.11
CA SER B 202 27.16 24.21 -11.04
C SER B 202 26.81 22.79 -11.48
N THR B 203 27.69 22.19 -12.28
CA THR B 203 27.59 20.78 -12.66
C THR B 203 28.44 19.90 -11.73
N ALA B 204 28.24 18.58 -11.82
CA ALA B 204 29.07 17.59 -11.14
C ALA B 204 30.56 17.71 -11.52
N LEU B 205 30.85 17.88 -12.81
CA LEU B 205 32.21 18.15 -13.24
C LEU B 205 32.83 19.38 -12.56
N MET B 206 32.05 20.44 -12.38
CA MET B 206 32.54 21.61 -11.64
C MET B 206 32.85 21.28 -10.18
N CYS B 207 32.01 20.47 -9.55
CA CYS B 207 32.31 19.95 -8.22
C CYS B 207 33.63 19.18 -8.19
N ALA B 208 33.86 18.34 -9.20
CA ALA B 208 35.11 17.57 -9.30
C ALA B 208 36.34 18.48 -9.40
N CYS B 209 36.22 19.56 -10.16
CA CYS B 209 37.30 20.53 -10.30
C CYS B 209 37.56 21.27 -8.99
N GLU B 210 36.52 21.72 -8.29
CA GLU B 210 36.72 22.44 -7.00
C GLU B 210 37.45 21.59 -5.97
N HIS B 211 37.03 20.34 -5.82
CA HIS B 211 37.64 19.42 -4.84
C HIS B 211 38.90 18.67 -5.33
N GLY B 212 39.31 18.86 -6.59
CA GLY B 212 40.50 18.15 -7.11
C GLY B 212 40.41 16.63 -7.05
N HIS B 213 39.26 16.09 -7.44
CA HIS B 213 39.08 14.64 -7.57
C HIS B 213 39.34 14.27 -9.04
N LYS B 214 40.58 13.93 -9.32
CA LYS B 214 41.07 13.65 -10.68
C LYS B 214 40.35 12.47 -11.32
N GLU B 215 40.29 11.32 -10.63
CA GLU B 215 39.66 10.10 -11.16
C GLU B 215 38.19 10.34 -11.49
N ILE B 216 37.50 11.02 -10.58
CA ILE B 216 36.07 11.33 -10.72
C ILE B 216 35.82 12.28 -11.90
N ALA B 217 36.64 13.31 -12.05
CA ALA B 217 36.59 14.16 -13.25
C ALA B 217 36.78 13.33 -14.53
N GLY B 218 37.71 12.37 -14.47
CA GLY B 218 37.90 11.38 -15.54
C GLY B 218 36.69 10.51 -15.82
N LEU B 219 36.02 10.05 -14.77
CA LEU B 219 34.77 9.28 -14.93
C LEU B 219 33.61 10.07 -15.57
N LEU B 220 33.52 11.37 -15.26
CA LEU B 220 32.51 12.25 -15.84
C LEU B 220 32.78 12.58 -17.30
N LEU B 221 34.03 12.91 -17.58
CA LEU B 221 34.45 13.18 -18.93
C LEU B 221 34.40 11.95 -19.82
N ALA B 222 34.47 10.74 -19.25
CA ALA B 222 34.26 9.51 -20.04
C ALA B 222 32.85 9.38 -20.61
N VAL B 223 31.86 10.00 -19.95
CA VAL B 223 30.49 10.05 -20.46
C VAL B 223 30.49 10.93 -21.72
N PRO B 224 30.15 10.35 -22.89
CA PRO B 224 30.29 11.11 -24.15
C PRO B 224 29.48 12.40 -24.24
N SER B 225 28.24 12.41 -23.74
CA SER B 225 27.38 13.61 -23.75
C SER B 225 27.73 14.72 -22.74
N CYS B 226 28.76 14.50 -21.90
CA CYS B 226 29.16 15.46 -20.89
C CYS B 226 29.46 16.79 -21.58
N ASP B 227 28.83 17.86 -21.14
CA ASP B 227 28.92 19.16 -21.81
C ASP B 227 29.82 20.06 -20.98
N ILE B 228 31.07 20.14 -21.41
CA ILE B 228 32.11 20.95 -20.73
C ILE B 228 31.95 22.46 -20.89
N SER B 229 31.12 22.91 -21.83
CA SER B 229 30.92 24.35 -22.05
C SER B 229 29.82 24.99 -21.16
N LEU B 230 29.10 24.19 -20.39
CA LEU B 230 28.08 24.75 -19.48
C LEU B 230 28.71 25.74 -18.50
N THR B 231 28.00 26.84 -18.24
CA THR B 231 28.51 27.87 -17.36
C THR B 231 27.59 28.01 -16.16
N ASP B 232 28.20 28.27 -15.00
CA ASP B 232 27.48 28.62 -13.77
C ASP B 232 26.97 30.08 -13.86
N ARG B 233 26.34 30.54 -12.78
CA ARG B 233 25.73 31.86 -12.73
C ARG B 233 26.71 33.01 -13.02
N ASP B 234 27.98 32.87 -12.62
CA ASP B 234 29.00 33.91 -12.89
C ASP B 234 29.79 33.70 -14.19
N GLY B 235 29.37 32.76 -15.03
CA GLY B 235 30.00 32.56 -16.33
C GLY B 235 31.24 31.66 -16.35
N SER B 236 31.45 30.89 -15.29
CA SER B 236 32.59 29.97 -15.22
C SER B 236 32.25 28.60 -15.80
N THR B 237 33.07 28.14 -16.74
CA THR B 237 33.05 26.75 -17.21
C THR B 237 33.85 25.86 -16.25
N ALA B 238 33.77 24.55 -16.44
CA ALA B 238 34.56 23.64 -15.61
C ALA B 238 36.08 23.91 -15.70
N LEU B 239 36.55 24.25 -16.91
CA LEU B 239 37.94 24.62 -17.11
C LEU B 239 38.33 25.87 -16.32
N MET B 240 37.43 26.85 -16.27
CA MET B 240 37.67 28.06 -15.47
C MET B 240 37.74 27.73 -14.00
N VAL B 241 36.81 26.90 -13.54
CA VAL B 241 36.78 26.46 -12.15
C VAL B 241 38.11 25.78 -11.79
N ALA B 242 38.48 24.81 -12.63
CA ALA B 242 39.73 24.06 -12.48
C ALA B 242 40.93 24.98 -12.38
N LEU B 243 41.06 25.88 -13.34
CA LEU B 243 42.20 26.82 -13.36
C LEU B 243 42.24 27.73 -12.13
N ASP B 244 41.10 28.29 -11.74
CA ASP B 244 41.01 29.07 -10.49
C ASP B 244 41.34 28.27 -9.23
N ALA B 245 41.03 26.99 -9.22
CA ALA B 245 41.33 26.09 -8.09
C ALA B 245 42.74 25.51 -8.09
N GLY B 246 43.57 25.86 -9.08
CA GLY B 246 44.94 25.38 -9.17
C GLY B 246 45.07 23.91 -9.54
N GLN B 247 44.04 23.36 -10.16
CA GLN B 247 44.02 21.93 -10.52
C GLN B 247 44.60 21.73 -11.92
N SER B 248 45.92 21.78 -12.01
CA SER B 248 46.62 21.63 -13.28
C SER B 248 46.25 20.32 -13.97
N GLU B 249 46.28 19.23 -13.21
CA GLU B 249 46.07 17.88 -13.74
C GLU B 249 44.67 17.77 -14.37
N ILE B 250 43.65 18.25 -13.66
CA ILE B 250 42.27 18.25 -14.20
C ILE B 250 42.09 19.18 -15.40
N ALA B 251 42.65 20.39 -15.31
CA ALA B 251 42.61 21.36 -16.40
C ALA B 251 43.21 20.79 -17.68
N SER B 252 44.28 20.01 -17.55
CA SER B 252 44.90 19.30 -18.68
C SER B 252 43.96 18.29 -19.35
N MET B 253 43.17 17.59 -18.56
CA MET B 253 42.23 16.58 -19.09
C MET B 253 41.18 17.24 -19.95
N LEU B 254 40.81 18.45 -19.55
CA LEU B 254 39.87 19.25 -20.31
C LEU B 254 40.48 19.65 -21.64
N TYR B 255 41.74 20.09 -21.64
CA TYR B 255 42.43 20.43 -22.89
C TYR B 255 42.42 19.28 -23.89
N SER B 256 42.69 18.06 -23.42
CA SER B 256 42.62 16.85 -24.27
C SER B 256 41.25 16.71 -24.90
N ARG B 257 40.20 16.88 -24.09
CA ARG B 257 38.82 16.82 -24.61
C ARG B 257 38.47 17.99 -25.55
N MET B 258 39.10 19.15 -25.36
CA MET B 258 39.00 20.26 -26.32
C MET B 258 39.84 20.11 -27.62
N ASN B 259 40.66 19.07 -27.74
CA ASN B 259 41.53 18.86 -28.92
C ASN B 259 41.52 17.40 -29.38
N LYS C 7 -38.96 -7.63 11.59
CA LYS C 7 -37.65 -8.28 11.92
C LYS C 7 -36.83 -8.58 10.66
N ALA C 8 -35.52 -8.36 10.78
CA ALA C 8 -34.58 -8.52 9.66
C ALA C 8 -34.53 -9.95 9.12
N ARG C 9 -34.67 -10.94 10.00
CA ARG C 9 -34.67 -12.35 9.60
C ARG C 9 -35.81 -12.76 8.65
N ARG C 10 -36.86 -11.94 8.57
CA ARG C 10 -38.01 -12.14 7.65
C ARG C 10 -37.91 -11.35 6.35
N ARG C 11 -37.13 -10.27 6.32
CA ARG C 11 -36.88 -9.48 5.11
C ARG C 11 -36.12 -10.26 4.04
N THR C 12 -36.41 -9.92 2.78
CA THR C 12 -35.66 -10.37 1.62
C THR C 12 -35.07 -9.09 1.02
N THR C 13 -33.80 -8.82 1.33
CA THR C 13 -33.05 -7.73 0.70
C THR C 13 -32.77 -8.03 -0.77
N THR C 14 -32.69 -6.98 -1.58
CA THR C 14 -32.35 -7.10 -3.01
C THR C 14 -30.90 -6.68 -3.27
N GLN C 15 -30.39 -7.01 -4.46
CA GLN C 15 -29.06 -6.58 -4.93
C GLN C 15 -28.85 -5.08 -4.72
N MET C 16 -29.79 -4.26 -5.18
CA MET C 16 -29.67 -2.80 -5.07
C MET C 16 -29.79 -2.25 -3.64
N GLU C 17 -30.50 -2.97 -2.75
CA GLU C 17 -30.61 -2.54 -1.34
C GLU C 17 -29.31 -2.76 -0.58
N LEU C 18 -28.58 -3.81 -0.96
CA LEU C 18 -27.24 -4.07 -0.43
C LEU C 18 -26.17 -3.10 -0.94
N LEU C 19 -26.35 -2.58 -2.15
CA LEU C 19 -25.42 -1.63 -2.75
C LEU C 19 -25.66 -0.16 -2.39
N TYR C 20 -26.93 0.21 -2.17
CA TYR C 20 -27.31 1.62 -2.08
C TYR C 20 -28.27 1.90 -0.94
N ALA C 21 -28.08 3.04 -0.30
CA ALA C 21 -28.98 3.50 0.74
C ALA C 21 -28.90 5.03 0.83
N LYS D 7 29.24 29.29 -2.94
CA LYS D 7 28.72 28.30 -3.93
C LYS D 7 28.68 26.91 -3.34
N ALA D 8 27.63 26.17 -3.63
CA ALA D 8 27.46 24.81 -3.08
C ALA D 8 28.49 23.81 -3.60
N ARG D 9 28.97 24.00 -4.82
CA ARG D 9 29.97 23.10 -5.40
C ARG D 9 31.30 23.05 -4.64
N ARG D 10 31.59 24.04 -3.78
CA ARG D 10 32.79 24.07 -2.92
C ARG D 10 32.54 23.53 -1.52
N ARG D 11 31.29 23.50 -1.10
CA ARG D 11 30.93 22.94 0.20
C ARG D 11 31.27 21.46 0.29
N THR D 12 31.59 21.00 1.49
CA THR D 12 31.80 19.58 1.80
C THR D 12 30.78 19.25 2.87
N THR D 13 29.65 18.67 2.49
CA THR D 13 28.54 18.46 3.43
C THR D 13 28.82 17.26 4.35
N THR D 14 28.33 17.34 5.59
CA THR D 14 28.55 16.28 6.58
C THR D 14 27.35 15.32 6.63
N GLN D 15 27.51 14.19 7.34
CA GLN D 15 26.39 13.28 7.59
C GLN D 15 25.25 14.04 8.27
N MET D 16 25.58 14.81 9.29
CA MET D 16 24.57 15.51 10.08
C MET D 16 23.82 16.58 9.29
N GLU D 17 24.49 17.24 8.34
CA GLU D 17 23.87 18.29 7.51
C GLU D 17 22.85 17.73 6.49
N LEU D 18 23.12 16.52 6.00
CA LEU D 18 22.20 15.79 5.10
C LEU D 18 21.00 15.18 5.84
N LEU D 19 21.14 14.92 7.13
CA LEU D 19 20.06 14.30 7.92
C LEU D 19 19.18 15.29 8.67
N TYR D 20 19.78 16.34 9.22
CA TYR D 20 19.06 17.28 10.10
C TYR D 20 19.20 18.71 9.59
N ALA D 21 18.08 19.44 9.58
CA ALA D 21 18.05 20.85 9.25
C ALA D 21 18.21 21.66 10.52
S SO4 E . -9.55 -6.02 5.10
O1 SO4 E . -9.83 -6.87 6.30
O2 SO4 E . -8.31 -5.24 5.29
O3 SO4 E . -9.41 -6.93 3.94
O4 SO4 E . -10.67 -5.06 4.94
C1 GOL F . 7.58 8.09 -8.69
O1 GOL F . 7.15 8.72 -9.90
C2 GOL F . 7.71 6.57 -8.84
O2 GOL F . 8.89 6.13 -8.16
C3 GOL F . 7.78 6.15 -10.31
O3 GOL F . 6.60 6.57 -11.01
C1 GOL G . -25.84 -9.70 19.50
O1 GOL G . -27.07 -9.68 20.24
C2 GOL G . -24.76 -10.49 20.22
O2 GOL G . -23.73 -9.58 20.63
C3 GOL G . -24.11 -11.54 19.32
O3 GOL G . -23.43 -10.91 18.23
C1 GOL H . -8.02 -5.91 9.23
O1 GOL H . -7.42 -4.82 8.53
C2 GOL H . -7.29 -7.21 8.87
O2 GOL H . -7.98 -7.83 7.78
C3 GOL H . -7.21 -8.18 10.05
O3 GOL H . -6.49 -7.64 11.16
S SO4 I . 9.08 7.19 -4.64
O1 SO4 I . 9.75 5.87 -4.71
O2 SO4 I . 9.72 8.11 -3.66
O3 SO4 I . 9.14 7.80 -6.00
O4 SO4 I . 7.66 7.04 -4.22
C1 GOL J . 19.38 25.49 -14.04
O1 GOL J . 20.06 26.03 -12.87
C2 GOL J . 18.61 24.21 -13.70
O2 GOL J . 18.78 23.92 -12.31
C3 GOL J . 19.06 23.01 -14.55
O3 GOL J . 18.66 21.75 -13.98
#